data_5HPZ
#
_entry.id   5HPZ
#
_cell.length_a   38.920
_cell.length_b   95.479
_cell.length_c   98.610
_cell.angle_alpha   90.00
_cell.angle_beta   90.00
_cell.angle_gamma   90.00
#
_symmetry.space_group_name_H-M   'P 2 21 21'
#
loop_
_entity.id
_entity.type
_entity.pdbx_description
1 polymer 'Water-soluble chlorophyll protein'
2 non-polymer "13'2-hydroxyl-Chlorophyll a"
3 water water
#
_entity_poly.entity_id   1
_entity_poly.type   'polypeptide(L)'
_entity_poly.pdbx_seq_one_letter_code
;REQVKDSNGNPVKRGAKYFIQPAKSNGGGLVPAAINILPFCPLGITQTLLPYQPGLPVSFGYEPVIAGTDYIYTSTTINI
EFRSEIWPVCNELSKLWAVDVSSSAAKEPAIIIGGERTAPNSLFKIEEATGAHTYKLTTSSGTVGTIPGPWLGAPQLIAT
NDDAKTLFVKFVKVDDDAT
;
_entity_poly.pdbx_strand_id   A,B
#
# COMPACT_ATOMS: atom_id res chain seq x y z
N ARG A 1 15.73 24.04 -18.95
CA ARG A 1 15.42 23.16 -17.82
C ARG A 1 14.74 23.93 -16.68
N GLU A 2 13.79 23.28 -16.02
CA GLU A 2 12.92 23.93 -15.05
C GLU A 2 12.84 23.10 -13.78
N GLN A 3 12.53 23.75 -12.68
CA GLN A 3 12.25 23.05 -11.45
C GLN A 3 11.11 22.09 -11.71
N VAL A 4 11.33 20.82 -11.38
CA VAL A 4 10.26 19.84 -11.40
C VAL A 4 9.39 20.14 -10.22
N LYS A 5 8.06 20.08 -10.40
CA LYS A 5 7.10 20.30 -9.30
C LYS A 5 6.29 19.05 -8.87
N ASP A 6 6.04 18.93 -7.57
CA ASP A 6 5.21 17.88 -7.03
C ASP A 6 3.74 18.16 -7.32
N SER A 7 2.88 17.25 -6.86
CA SER A 7 1.49 17.31 -7.24
C SER A 7 0.79 18.49 -6.63
N ASN A 8 1.42 19.07 -5.60
CA ASN A 8 0.88 20.27 -4.91
C ASN A 8 1.56 21.56 -5.35
N GLY A 9 2.29 21.51 -6.45
CA GLY A 9 2.93 22.66 -7.06
C GLY A 9 4.28 23.06 -6.52
N ASN A 10 4.72 22.45 -5.44
CA ASN A 10 6.00 22.87 -4.83
C ASN A 10 7.18 22.15 -5.52
N PRO A 11 8.31 22.87 -5.76
CA PRO A 11 9.43 22.19 -6.40
C PRO A 11 9.87 20.95 -5.64
N VAL A 12 10.43 20.00 -6.38
CA VAL A 12 10.83 18.72 -5.83
C VAL A 12 12.22 18.90 -5.18
N LYS A 13 12.37 18.44 -3.95
CA LYS A 13 13.63 18.58 -3.20
C LYS A 13 14.48 17.30 -3.37
N ARG A 14 15.75 17.45 -3.80
CA ARG A 14 16.77 16.38 -3.78
C ARG A 14 16.68 15.63 -2.47
N GLY A 15 16.81 14.30 -2.50
CA GLY A 15 16.84 13.50 -1.26
C GLY A 15 15.54 13.39 -0.45
N ALA A 16 14.55 14.21 -0.74
CA ALA A 16 13.27 14.10 -0.07
C ALA A 16 12.39 12.99 -0.73
N LYS A 17 11.40 12.55 0.04
CA LYS A 17 10.52 11.46 -0.35
C LYS A 17 9.27 11.82 -1.15
N TYR A 18 9.17 11.17 -2.33
CA TYR A 18 8.00 11.23 -3.19
C TYR A 18 7.50 9.87 -3.66
N PHE A 19 6.18 9.71 -3.67
CA PHE A 19 5.52 8.66 -4.45
C PHE A 19 5.54 9.07 -5.94
N ILE A 20 5.80 8.11 -6.84
CA ILE A 20 5.55 8.33 -8.26
C ILE A 20 4.19 7.72 -8.66
N GLN A 21 3.29 8.58 -9.12
CA GLN A 21 1.94 8.14 -9.39
C GLN A 21 1.56 8.44 -10.83
N PRO A 22 1.19 7.40 -11.61
CA PRO A 22 0.85 7.58 -13.00
C PRO A 22 -0.35 8.45 -13.15
N ALA A 23 -0.24 9.49 -13.97
CA ALA A 23 -1.35 10.40 -14.17
C ALA A 23 -2.57 9.68 -14.76
N LYS A 24 -3.73 10.26 -14.53
CA LYS A 24 -4.96 9.81 -15.15
C LYS A 24 -5.08 8.27 -15.13
N SER A 25 -4.99 7.66 -13.95
CA SER A 25 -5.10 6.21 -13.79
C SER A 25 -6.04 5.80 -12.63
N ASN A 26 -6.76 4.66 -12.79
CA ASN A 26 -7.56 4.00 -11.73
C ASN A 26 -6.71 3.34 -10.60
N GLY A 27 -5.47 2.93 -10.91
CA GLY A 27 -4.61 2.19 -9.95
C GLY A 27 -3.68 3.13 -9.17
N GLY A 28 -2.74 2.59 -8.40
CA GLY A 28 -1.95 3.41 -7.44
C GLY A 28 -0.58 3.74 -7.94
N GLY A 29 0.35 3.89 -7.02
CA GLY A 29 1.73 4.27 -7.34
C GLY A 29 2.58 3.10 -7.81
N LEU A 30 3.83 3.40 -8.11
CA LEU A 30 4.83 2.45 -8.51
C LEU A 30 5.49 1.79 -7.30
N VAL A 31 5.69 0.49 -7.41
CA VAL A 31 6.15 -0.36 -6.31
C VAL A 31 7.08 -1.39 -6.89
N PRO A 32 8.03 -1.85 -6.08
CA PRO A 32 8.78 -3.05 -6.48
C PRO A 32 7.89 -4.28 -6.61
N ALA A 33 8.24 -5.17 -7.53
CA ALA A 33 7.54 -6.41 -7.60
C ALA A 33 8.34 -7.35 -8.39
N ALA A 34 8.26 -8.63 -8.04
CA ALA A 34 8.97 -9.61 -8.77
C ALA A 34 8.41 -9.71 -10.20
N ILE A 35 9.33 -9.69 -11.15
CA ILE A 35 8.97 -9.85 -12.57
C ILE A 35 9.38 -11.17 -13.14
N ASN A 36 10.21 -11.89 -12.41
CA ASN A 36 10.54 -13.26 -12.71
C ASN A 36 10.27 -14.13 -11.45
N ILE A 37 10.08 -15.42 -11.65
CA ILE A 37 9.78 -16.32 -10.55
C ILE A 37 11.01 -16.81 -9.82
N LEU A 38 11.90 -17.46 -10.52
CA LEU A 38 13.09 -17.91 -9.83
C LEU A 38 14.24 -17.93 -10.85
N PRO A 39 15.33 -17.18 -10.61
CA PRO A 39 15.48 -16.24 -9.48
C PRO A 39 14.49 -15.05 -9.52
N PHE A 40 14.12 -14.49 -8.36
CA PHE A 40 13.16 -13.36 -8.35
C PHE A 40 13.90 -11.98 -8.21
N CYS A 41 15.23 -12.02 -8.08
CA CYS A 41 16.08 -10.85 -8.09
C CYS A 41 16.80 -10.72 -9.43
N PRO A 42 17.04 -9.53 -9.93
CA PRO A 42 16.51 -8.25 -9.39
C PRO A 42 15.02 -8.08 -9.61
N LEU A 43 14.39 -7.37 -8.68
CA LEU A 43 13.01 -7.02 -8.73
C LEU A 43 12.72 -6.06 -9.87
N GLY A 44 11.46 -6.10 -10.32
CA GLY A 44 10.98 -5.16 -11.32
C GLY A 44 10.22 -4.08 -10.62
N ILE A 45 9.64 -3.20 -11.43
CA ILE A 45 8.82 -2.13 -10.96
C ILE A 45 7.48 -2.16 -11.67
N THR A 46 6.40 -2.00 -10.92
N THR A 46 6.38 -2.19 -10.91
CA THR A 46 5.07 -2.18 -11.46
CA THR A 46 5.03 -2.17 -11.49
C THR A 46 4.22 -1.08 -10.89
N GLN A 47 3.15 -0.75 -11.59
CA GLN A 47 2.12 0.08 -10.98
C GLN A 47 1.11 -0.83 -10.26
N THR A 48 0.82 -0.56 -9.01
CA THR A 48 -0.18 -1.34 -8.39
C THR A 48 -1.58 -0.99 -8.97
N LEU A 49 -2.43 -1.99 -9.02
CA LEU A 49 -3.81 -1.88 -9.50
C LEU A 49 -4.74 -1.39 -8.42
N LEU A 50 -4.24 -1.42 -7.20
CA LEU A 50 -5.04 -1.06 -6.04
C LEU A 50 -5.13 0.44 -5.91
N PRO A 51 -6.33 0.98 -5.93
CA PRO A 51 -6.50 2.44 -6.07
C PRO A 51 -5.91 3.37 -5.00
N TYR A 52 -6.00 2.99 -3.73
CA TYR A 52 -5.49 3.88 -2.68
C TYR A 52 -4.07 3.54 -2.23
N GLN A 53 -3.42 2.59 -2.88
CA GLN A 53 -2.00 2.34 -2.61
C GLN A 53 -1.16 3.41 -3.34
N PRO A 54 -0.44 4.24 -2.57
CA PRO A 54 0.27 5.38 -3.12
C PRO A 54 1.60 5.06 -3.79
N GLY A 55 2.10 3.84 -3.73
CA GLY A 55 3.45 3.61 -4.17
C GLY A 55 4.42 3.50 -3.01
N LEU A 56 5.59 2.98 -3.31
CA LEU A 56 6.68 3.02 -2.36
C LEU A 56 7.47 4.27 -2.64
N PRO A 57 7.78 5.04 -1.59
CA PRO A 57 8.45 6.26 -1.90
C PRO A 57 9.80 6.04 -2.52
N VAL A 58 10.19 7.04 -3.30
CA VAL A 58 11.52 7.17 -3.86
C VAL A 58 12.08 8.57 -3.50
N SER A 59 13.36 8.76 -3.77
CA SER A 59 13.95 10.08 -3.73
C SER A 59 14.92 10.17 -4.86
N PHE A 60 15.15 11.40 -5.32
CA PHE A 60 16.01 11.68 -6.47
C PHE A 60 17.31 12.37 -6.01
N GLY A 61 18.42 11.96 -6.58
CA GLY A 61 19.72 12.59 -6.30
C GLY A 61 20.49 12.77 -7.60
N TYR A 62 21.20 13.88 -7.73
CA TYR A 62 21.95 14.15 -8.93
C TYR A 62 23.12 13.24 -9.06
N GLU A 63 23.43 12.90 -10.28
CA GLU A 63 24.57 12.11 -10.60
C GLU A 63 24.78 12.39 -12.08
N PRO A 64 25.95 12.90 -12.45
CA PRO A 64 26.98 13.32 -11.49
C PRO A 64 26.53 14.55 -10.71
N VAL A 65 27.34 14.94 -9.71
CA VAL A 65 27.61 16.35 -9.39
C VAL A 65 26.44 17.28 -9.02
N ILE A 66 26.41 18.47 -9.61
CA ILE A 66 25.49 19.54 -9.23
C ILE A 66 25.61 19.90 -7.76
N ALA A 67 26.74 20.55 -7.47
CA ALA A 67 27.02 21.18 -6.18
C ALA A 67 26.50 22.59 -6.31
N GLY A 68 25.21 22.74 -6.11
CA GLY A 68 24.53 24.01 -6.23
C GLY A 68 23.21 24.11 -5.47
N THR A 69 22.40 23.05 -5.49
CA THR A 69 20.96 23.23 -5.25
C THR A 69 20.31 22.05 -4.49
N ASP A 70 19.30 22.37 -3.67
CA ASP A 70 18.49 21.32 -3.03
C ASP A 70 17.23 21.00 -3.87
N TYR A 71 17.21 21.39 -5.15
CA TYR A 71 16.01 21.30 -6.00
C TYR A 71 16.29 20.46 -7.23
N ILE A 72 15.28 19.68 -7.64
CA ILE A 72 15.40 18.85 -8.85
C ILE A 72 14.90 19.56 -10.08
N TYR A 73 15.77 19.54 -11.10
CA TYR A 73 15.56 20.12 -12.43
C TYR A 73 15.34 19.07 -13.48
N THR A 74 14.53 19.43 -14.48
CA THR A 74 14.36 18.62 -15.66
C THR A 74 15.65 18.46 -16.43
N SER A 75 15.67 17.47 -17.31
CA SER A 75 16.67 17.32 -18.32
C SER A 75 18.06 17.18 -17.70
N THR A 76 18.11 16.69 -16.48
CA THR A 76 19.38 16.62 -15.78
C THR A 76 19.45 15.21 -15.13
N THR A 77 20.58 14.51 -15.30
CA THR A 77 20.67 13.10 -14.86
C THR A 77 20.67 12.95 -13.35
N ILE A 78 19.83 12.03 -12.89
CA ILE A 78 19.68 11.72 -11.53
C ILE A 78 19.69 10.19 -11.44
N ASN A 79 19.89 9.71 -10.22
CA ASN A 79 19.51 8.35 -9.80
C ASN A 79 18.16 8.45 -9.14
N ILE A 80 17.39 7.36 -9.24
CA ILE A 80 16.11 7.24 -8.57
C ILE A 80 16.20 6.05 -7.63
N GLU A 81 15.88 6.25 -6.36
CA GLU A 81 16.02 5.17 -5.42
C GLU A 81 14.81 4.99 -4.57
N PHE A 82 14.48 3.74 -4.43
CA PHE A 82 13.44 3.41 -3.52
C PHE A 82 13.91 3.68 -2.09
N ARG A 83 13.01 4.20 -1.26
CA ARG A 83 13.25 4.46 0.14
C ARG A 83 12.36 3.62 1.05
N SER A 84 12.98 2.61 1.66
CA SER A 84 12.30 1.71 2.60
C SER A 84 13.24 1.23 3.74
N GLU A 85 12.85 1.42 5.00
CA GLU A 85 13.49 0.77 6.14
C GLU A 85 13.58 -0.72 5.85
N ILE A 86 12.46 -1.34 5.45
CA ILE A 86 12.50 -2.79 5.25
C ILE A 86 12.67 -3.22 3.79
N TRP A 87 13.52 -4.21 3.63
CA TRP A 87 13.89 -4.71 2.37
C TRP A 87 14.28 -6.18 2.46
N PRO A 88 13.29 -7.07 2.41
CA PRO A 88 13.65 -8.40 2.91
C PRO A 88 14.16 -9.39 1.86
N VAL A 89 14.29 -8.96 0.60
CA VAL A 89 14.88 -9.80 -0.42
C VAL A 89 15.80 -8.97 -1.30
N CYS A 90 16.60 -9.69 -2.06
CA CYS A 90 17.47 -9.11 -3.03
C CYS A 90 18.49 -8.15 -2.41
N ASN A 91 19.03 -8.52 -1.25
CA ASN A 91 19.79 -7.57 -0.43
C ASN A 91 21.20 -7.27 -0.90
N GLU A 92 21.75 -8.15 -1.68
CA GLU A 92 23.04 -7.93 -2.32
C GLU A 92 22.93 -6.94 -3.47
N LEU A 93 21.74 -6.39 -3.76
CA LEU A 93 21.61 -5.38 -4.81
C LEU A 93 21.09 -4.12 -4.21
N SER A 94 21.40 -2.97 -4.80
CA SER A 94 20.86 -1.71 -4.29
C SER A 94 19.36 -1.56 -4.47
N LYS A 95 18.86 -0.40 -4.08
CA LYS A 95 17.50 0.03 -4.35
C LYS A 95 17.45 1.09 -5.51
N LEU A 96 18.49 1.21 -6.30
CA LEU A 96 18.48 2.18 -7.40
C LEU A 96 17.77 1.59 -8.60
N TRP A 97 16.94 2.41 -9.25
CA TRP A 97 16.35 2.05 -10.53
C TRP A 97 17.44 1.95 -11.52
N ALA A 98 17.27 1.05 -12.47
CA ALA A 98 18.22 0.86 -13.49
C ALA A 98 17.55 0.14 -14.64
N VAL A 99 18.12 0.24 -15.82
CA VAL A 99 17.57 -0.42 -16.98
C VAL A 99 18.25 -1.76 -17.06
N ASP A 100 17.50 -2.85 -17.23
CA ASP A 100 18.07 -4.22 -17.33
C ASP A 100 19.10 -4.20 -18.48
N VAL A 101 20.39 -4.45 -18.19
CA VAL A 101 21.37 -4.67 -19.26
C VAL A 101 22.01 -6.07 -19.20
N SER A 102 21.32 -7.01 -18.56
CA SER A 102 21.78 -8.37 -18.47
C SER A 102 21.70 -9.06 -19.80
N SER A 103 22.34 -10.23 -19.89
CA SER A 103 22.30 -11.00 -21.13
C SER A 103 20.88 -11.51 -21.49
N SER A 104 19.93 -11.44 -20.58
CA SER A 104 18.58 -11.87 -20.91
C SER A 104 17.65 -10.69 -21.09
N ALA A 105 18.16 -9.47 -21.12
CA ALA A 105 17.26 -8.29 -21.18
C ALA A 105 16.39 -8.40 -22.43
N ALA A 106 15.16 -7.94 -22.35
CA ALA A 106 14.27 -7.97 -23.52
C ALA A 106 14.59 -6.82 -24.48
N LYS A 107 14.08 -6.89 -25.71
CA LYS A 107 14.29 -5.83 -26.68
C LYS A 107 13.83 -4.50 -26.12
N GLU A 108 12.72 -4.50 -25.38
CA GLU A 108 12.32 -3.32 -24.57
C GLU A 108 12.68 -3.68 -23.13
N PRO A 109 13.79 -3.21 -22.62
CA PRO A 109 14.22 -3.90 -21.42
C PRO A 109 13.48 -3.45 -20.18
N ALA A 110 13.33 -4.36 -19.25
CA ALA A 110 12.63 -4.04 -18.04
C ALA A 110 13.41 -2.97 -17.25
N ILE A 111 12.72 -2.15 -16.48
CA ILE A 111 13.38 -1.33 -15.49
C ILE A 111 13.44 -2.17 -14.21
N ILE A 112 14.64 -2.35 -13.68
CA ILE A 112 14.83 -3.18 -12.51
C ILE A 112 15.30 -2.37 -11.31
N ILE A 113 15.46 -3.04 -10.20
CA ILE A 113 15.90 -2.42 -8.98
C ILE A 113 17.24 -3.03 -8.66
N GLY A 114 18.24 -2.17 -8.45
CA GLY A 114 19.60 -2.68 -8.25
C GLY A 114 20.74 -2.02 -8.99
N GLY A 115 20.55 -0.83 -9.54
CA GLY A 115 21.63 -0.18 -10.29
C GLY A 115 22.81 0.21 -9.40
N GLU A 116 23.96 0.46 -10.04
CA GLU A 116 25.15 1.03 -9.39
C GLU A 116 25.10 2.57 -9.64
N ARG A 117 25.36 3.39 -8.61
CA ARG A 117 25.09 4.85 -8.64
C ARG A 117 25.69 5.58 -9.83
N THR A 118 26.85 5.14 -10.29
CA THR A 118 27.52 5.80 -11.39
C THR A 118 27.33 5.17 -12.76
N ALA A 119 27.00 3.87 -12.83
CA ALA A 119 26.80 3.19 -14.12
C ALA A 119 25.73 3.89 -15.00
N PRO A 120 25.93 3.90 -16.32
CA PRO A 120 25.10 4.64 -17.27
C PRO A 120 23.62 4.22 -17.30
N ASN A 121 23.37 2.93 -16.99
CA ASN A 121 22.01 2.38 -16.94
C ASN A 121 21.21 2.80 -15.69
N SER A 122 21.84 3.46 -14.71
CA SER A 122 21.10 3.93 -13.58
C SER A 122 20.70 5.36 -13.70
N LEU A 123 20.99 5.99 -14.83
CA LEU A 123 20.76 7.46 -14.97
C LEU A 123 19.42 7.77 -15.71
N PHE A 124 18.62 8.63 -15.09
CA PHE A 124 17.36 9.02 -15.59
C PHE A 124 17.33 10.52 -15.73
N LYS A 125 16.43 11.01 -16.58
CA LYS A 125 16.06 12.42 -16.57
C LYS A 125 14.55 12.53 -16.46
N ILE A 126 14.10 13.54 -15.72
CA ILE A 126 12.71 13.86 -15.64
C ILE A 126 12.45 14.91 -16.72
N GLU A 127 11.41 14.73 -17.53
CA GLU A 127 11.07 15.73 -18.57
C GLU A 127 9.60 16.13 -18.48
N GLU A 128 9.32 17.38 -18.87
CA GLU A 128 7.95 17.92 -18.97
C GLU A 128 7.13 17.12 -19.98
N ALA A 129 5.89 16.82 -19.62
CA ALA A 129 4.91 16.25 -20.54
C ALA A 129 3.73 17.21 -20.62
N THR A 130 2.88 17.01 -21.62
CA THR A 130 1.67 17.84 -21.75
C THR A 130 0.63 17.43 -20.67
N GLY A 131 0.37 18.36 -19.75
CA GLY A 131 -0.34 18.06 -18.52
C GLY A 131 0.28 18.79 -17.32
N ALA A 132 -0.57 19.45 -16.55
CA ALA A 132 -0.13 20.20 -15.38
C ALA A 132 0.49 19.25 -14.34
N HIS A 133 1.68 19.60 -13.84
CA HIS A 133 2.43 18.78 -12.90
C HIS A 133 2.56 17.33 -13.40
N THR A 134 2.62 17.18 -14.73
CA THR A 134 2.79 15.90 -15.41
C THR A 134 4.16 15.74 -16.08
N TYR A 135 4.82 14.59 -15.85
CA TYR A 135 6.15 14.41 -16.38
C TYR A 135 6.32 13.05 -17.00
N LYS A 136 7.45 12.88 -17.66
CA LYS A 136 7.86 11.56 -18.09
C LYS A 136 9.29 11.41 -17.65
N LEU A 137 9.73 10.15 -17.63
CA LEU A 137 11.12 9.78 -17.29
C LEU A 137 11.79 9.17 -18.47
N THR A 138 13.03 9.57 -18.71
CA THR A 138 13.81 8.99 -19.79
C THR A 138 15.11 8.40 -19.26
N THR A 139 15.71 7.58 -20.12
CA THR A 139 17.00 6.91 -19.91
C THR A 139 17.70 6.86 -21.25
N SER A 140 18.97 6.50 -21.24
CA SER A 140 19.67 6.38 -22.50
C SER A 140 19.18 5.16 -23.29
N SER A 141 18.42 4.26 -22.67
CA SER A 141 17.81 3.18 -23.49
C SER A 141 16.40 3.51 -24.00
N GLY A 142 15.89 4.70 -23.78
CA GLY A 142 14.52 4.97 -24.17
C GLY A 142 13.76 5.60 -23.03
N THR A 143 12.53 5.95 -23.32
CA THR A 143 11.65 6.54 -22.39
C THR A 143 11.06 5.45 -21.53
N VAL A 144 10.78 5.77 -20.28
CA VAL A 144 10.16 4.78 -19.46
C VAL A 144 8.68 4.63 -19.94
N GLY A 145 8.30 3.44 -20.34
CA GLY A 145 6.88 3.15 -20.57
C GLY A 145 6.40 1.94 -19.80
N THR A 146 5.24 1.40 -20.16
CA THR A 146 4.79 0.13 -19.60
C THR A 146 4.29 -0.84 -20.66
N ILE A 147 4.30 -2.11 -20.26
CA ILE A 147 3.52 -3.15 -20.85
C ILE A 147 2.75 -3.84 -19.74
N PRO A 148 1.68 -4.61 -20.09
CA PRO A 148 1.00 -5.41 -19.07
C PRO A 148 1.96 -6.41 -18.47
N GLY A 149 2.05 -6.44 -17.11
CA GLY A 149 3.00 -7.27 -16.43
C GLY A 149 2.36 -8.51 -15.88
N PRO A 150 3.13 -9.29 -15.10
CA PRO A 150 2.73 -10.60 -14.60
C PRO A 150 1.74 -10.61 -13.42
N TRP A 151 1.47 -9.47 -12.78
CA TRP A 151 0.54 -9.45 -11.65
C TRP A 151 -0.81 -8.97 -12.13
N LEU A 152 -1.68 -9.90 -12.52
CA LEU A 152 -3.02 -9.54 -13.03
C LEU A 152 -2.96 -8.52 -14.16
N GLY A 153 -1.90 -8.55 -14.95
CA GLY A 153 -1.72 -7.58 -16.03
C GLY A 153 -1.37 -6.15 -15.61
N ALA A 154 -1.05 -5.91 -14.34
CA ALA A 154 -0.64 -4.54 -13.89
C ALA A 154 0.52 -3.98 -14.70
N PRO A 155 0.51 -2.68 -14.98
CA PRO A 155 1.57 -2.16 -15.86
C PRO A 155 3.00 -2.33 -15.29
N GLN A 156 3.89 -2.92 -16.07
CA GLN A 156 5.26 -3.11 -15.66
C GLN A 156 6.13 -2.11 -16.40
N LEU A 157 7.12 -1.53 -15.71
CA LEU A 157 7.96 -0.54 -16.33
C LEU A 157 8.96 -1.17 -17.18
N ILE A 158 9.10 -0.62 -18.39
CA ILE A 158 10.18 -0.90 -19.32
C ILE A 158 10.76 0.37 -19.94
N ALA A 159 11.90 0.27 -20.59
CA ALA A 159 12.41 1.34 -21.43
C ALA A 159 12.07 1.07 -22.91
N THR A 160 11.55 2.08 -23.57
CA THR A 160 11.02 1.90 -24.90
C THR A 160 11.16 3.21 -25.67
N ASN A 161 11.30 3.12 -26.99
CA ASN A 161 11.16 4.29 -27.81
C ASN A 161 9.85 4.32 -28.58
N ASP A 162 8.90 3.47 -28.22
CA ASP A 162 7.53 3.57 -28.71
C ASP A 162 6.75 4.64 -27.94
N ASP A 163 6.49 5.75 -28.63
CA ASP A 163 5.84 6.91 -28.03
C ASP A 163 4.45 6.56 -27.43
N ALA A 164 3.75 5.59 -27.99
CA ALA A 164 2.42 5.25 -27.49
C ALA A 164 2.52 4.53 -26.09
N LYS A 165 3.72 4.11 -25.69
CA LYS A 165 3.87 3.41 -24.45
C LYS A 165 4.37 4.26 -23.28
N THR A 166 4.62 5.54 -23.53
CA THR A 166 5.15 6.41 -22.47
C THR A 166 4.28 6.42 -21.22
N LEU A 167 4.94 6.37 -20.07
CA LEU A 167 4.27 6.45 -18.77
C LEU A 167 4.32 7.88 -18.28
N PHE A 168 3.15 8.49 -18.14
CA PHE A 168 3.04 9.83 -17.62
C PHE A 168 2.77 9.80 -16.13
N VAL A 169 3.54 10.60 -15.39
CA VAL A 169 3.51 10.57 -13.91
C VAL A 169 3.43 11.92 -13.28
N LYS A 170 3.06 11.90 -12.02
CA LYS A 170 3.23 13.05 -11.19
C LYS A 170 3.91 12.57 -9.87
N PHE A 171 4.49 13.53 -9.14
CA PHE A 171 5.29 13.26 -7.97
C PHE A 171 4.55 13.78 -6.76
N VAL A 172 4.32 12.89 -5.82
CA VAL A 172 3.43 13.21 -4.73
C VAL A 172 4.28 13.14 -3.48
N LYS A 173 4.45 14.30 -2.85
CA LYS A 173 5.30 14.45 -1.68
C LYS A 173 4.82 13.55 -0.58
N VAL A 174 5.75 12.84 0.05
CA VAL A 174 5.40 12.00 1.17
C VAL A 174 5.25 12.91 2.39
N ASP A 175 4.05 12.88 2.97
CA ASP A 175 3.64 13.79 4.05
C ASP A 175 3.31 12.98 5.30
N ARG B 1 -24.22 4.86 24.14
CA ARG B 1 -23.56 4.77 22.80
C ARG B 1 -23.24 6.22 22.36
N GLU B 2 -22.10 6.42 21.72
CA GLU B 2 -21.74 7.69 21.12
C GLU B 2 -21.52 7.46 19.61
N GLN B 3 -21.56 8.54 18.85
CA GLN B 3 -21.25 8.45 17.41
C GLN B 3 -19.80 8.23 17.26
N VAL B 4 -19.46 7.20 16.49
CA VAL B 4 -18.06 6.96 16.26
C VAL B 4 -17.55 8.03 15.33
N LYS B 5 -16.36 8.55 15.61
CA LYS B 5 -15.78 9.61 14.80
C LYS B 5 -14.52 9.18 14.07
N ASP B 6 -14.37 9.64 12.83
CA ASP B 6 -13.17 9.38 12.04
C ASP B 6 -12.03 10.26 12.50
N SER B 7 -10.87 10.13 11.86
CA SER B 7 -9.70 10.83 12.30
C SER B 7 -9.77 12.31 12.00
N ASN B 8 -10.85 12.78 11.38
CA ASN B 8 -11.04 14.23 11.25
C ASN B 8 -12.21 14.78 12.06
N GLY B 9 -12.66 14.05 13.06
CA GLY B 9 -13.78 14.48 13.89
C GLY B 9 -15.16 14.24 13.30
N ASN B 10 -15.30 13.71 12.10
CA ASN B 10 -16.65 13.52 11.59
C ASN B 10 -17.23 12.15 11.86
N PRO B 11 -18.55 12.06 11.98
CA PRO B 11 -19.17 10.77 12.30
C PRO B 11 -18.98 9.74 11.22
N VAL B 12 -18.77 8.51 11.63
CA VAL B 12 -18.53 7.43 10.72
C VAL B 12 -19.86 6.99 10.16
N LYS B 13 -19.92 6.88 8.82
CA LYS B 13 -21.17 6.60 8.09
C LYS B 13 -21.21 5.13 7.65
N ARG B 14 -22.31 4.46 7.93
CA ARG B 14 -22.52 3.11 7.51
C ARG B 14 -22.35 3.05 6.01
N GLY B 15 -21.64 2.01 5.56
CA GLY B 15 -21.33 1.79 4.15
C GLY B 15 -20.23 2.60 3.48
N ALA B 16 -19.79 3.71 4.08
CA ALA B 16 -18.64 4.46 3.52
C ALA B 16 -17.30 3.77 3.84
N LYS B 17 -16.29 4.07 3.03
CA LYS B 17 -14.97 3.39 3.12
C LYS B 17 -14.01 4.10 4.07
N TYR B 18 -13.40 3.35 5.00
CA TYR B 18 -12.37 3.84 5.92
C TYR B 18 -11.19 2.93 5.93
N PHE B 19 -10.01 3.50 6.12
CA PHE B 19 -8.84 2.73 6.51
C PHE B 19 -8.92 2.53 8.01
N ILE B 20 -8.51 1.37 8.53
CA ILE B 20 -8.37 1.22 10.02
C ILE B 20 -6.87 1.28 10.28
N GLN B 21 -6.44 2.34 10.95
CA GLN B 21 -5.04 2.51 11.26
C GLN B 21 -4.71 2.43 12.75
N PRO B 22 -3.73 1.58 13.14
CA PRO B 22 -3.31 1.45 14.54
C PRO B 22 -2.76 2.78 15.01
N ALA B 23 -3.26 3.26 16.14
CA ALA B 23 -2.76 4.51 16.76
C ALA B 23 -1.32 4.34 17.21
N LYS B 24 -0.56 5.44 17.23
CA LYS B 24 0.77 5.44 17.82
C LYS B 24 1.64 4.29 17.26
N SER B 25 1.88 4.35 15.95
CA SER B 25 2.57 3.29 15.24
C SER B 25 3.42 3.81 14.08
N ASN B 26 4.64 3.27 13.92
CA ASN B 26 5.46 3.61 12.75
C ASN B 26 5.06 2.80 11.48
N GLY B 27 4.18 1.79 11.63
CA GLY B 27 3.64 0.96 10.53
C GLY B 27 2.39 1.58 9.93
N GLY B 28 1.78 0.91 8.93
CA GLY B 28 0.63 1.46 8.22
C GLY B 28 -0.70 0.91 8.68
N GLY B 29 -1.67 0.84 7.80
CA GLY B 29 -3.00 0.29 8.12
C GLY B 29 -3.18 -1.20 8.06
N LEU B 30 -4.39 -1.69 8.29
CA LEU B 30 -4.69 -3.08 8.31
C LEU B 30 -5.03 -3.60 6.88
N VAL B 31 -4.56 -4.78 6.60
CA VAL B 31 -4.54 -5.37 5.24
C VAL B 31 -4.79 -6.86 5.36
N PRO B 32 -5.42 -7.47 4.31
CA PRO B 32 -5.44 -8.95 4.29
C PRO B 32 -4.08 -9.48 4.05
N ALA B 33 -3.79 -10.66 4.61
CA ALA B 33 -2.50 -11.29 4.40
C ALA B 33 -2.71 -12.71 4.74
N ALA B 34 -2.03 -13.58 4.01
CA ALA B 34 -2.02 -14.99 4.36
C ALA B 34 -1.37 -15.21 5.68
N ILE B 35 -2.04 -16.03 6.49
CA ILE B 35 -1.50 -16.41 7.79
C ILE B 35 -1.15 -17.87 7.82
N ASN B 36 -1.54 -18.63 6.80
CA ASN B 36 -1.21 -20.05 6.70
C ASN B 36 -0.67 -20.21 5.29
N ILE B 37 0.13 -21.23 5.05
CA ILE B 37 0.80 -21.36 3.74
C ILE B 37 -0.12 -22.05 2.79
N LEU B 38 -0.51 -23.27 3.13
CA LEU B 38 -1.37 -24.08 2.28
C LEU B 38 -2.27 -25.02 3.13
N PRO B 39 -3.57 -24.88 3.07
CA PRO B 39 -4.27 -23.87 2.25
C PRO B 39 -4.02 -22.47 2.78
N PHE B 40 -4.00 -21.47 1.91
CA PHE B 40 -3.84 -20.05 2.35
C PHE B 40 -5.18 -19.30 2.55
N CYS B 41 -6.32 -19.89 2.24
CA CYS B 41 -7.64 -19.38 2.66
C CYS B 41 -8.15 -20.11 3.89
N PRO B 42 -8.85 -19.44 4.81
CA PRO B 42 -9.12 -18.00 4.75
C PRO B 42 -7.85 -17.14 5.10
N LEU B 43 -7.82 -15.98 4.53
CA LEU B 43 -6.88 -14.94 4.87
C LEU B 43 -7.04 -14.38 6.26
N GLY B 44 -5.92 -13.99 6.83
CA GLY B 44 -5.87 -13.25 8.09
C GLY B 44 -5.72 -11.80 7.84
N ILE B 45 -5.56 -11.06 8.93
CA ILE B 45 -5.44 -9.60 8.86
C ILE B 45 -4.20 -9.17 9.64
N THR B 46 -3.42 -8.29 9.04
CA THR B 46 -2.12 -7.95 9.57
C THR B 46 -1.98 -6.44 9.44
N GLN B 47 -1.25 -5.83 10.35
CA GLN B 47 -0.91 -4.44 10.16
C GLN B 47 0.29 -4.43 9.29
N THR B 48 0.29 -3.59 8.28
CA THR B 48 1.50 -3.52 7.47
C THR B 48 2.61 -2.76 8.19
N LEU B 49 3.83 -3.24 8.03
CA LEU B 49 5.06 -2.59 8.58
C LEU B 49 5.49 -1.36 7.82
N LEU B 50 5.03 -1.26 6.60
CA LEU B 50 5.38 -0.14 5.78
C LEU B 50 4.61 1.11 6.20
N PRO B 51 5.32 2.18 6.51
CA PRO B 51 4.72 3.40 7.09
C PRO B 51 3.68 4.12 6.20
N TYR B 52 3.88 4.12 4.91
CA TYR B 52 2.96 4.92 4.10
C TYR B 52 1.75 4.20 3.48
N GLN B 53 1.62 2.93 3.81
CA GLN B 53 0.58 2.16 3.28
C GLN B 53 -0.62 2.31 4.22
N PRO B 54 -1.75 2.75 3.68
CA PRO B 54 -2.88 3.17 4.51
C PRO B 54 -3.74 2.05 4.97
N GLY B 55 -3.51 0.87 4.40
CA GLY B 55 -4.34 -0.26 4.69
C GLY B 55 -5.30 -0.43 3.53
N LEU B 56 -6.09 -1.48 3.57
CA LEU B 56 -7.15 -1.71 2.61
C LEU B 56 -8.47 -1.22 3.21
N PRO B 57 -9.29 -0.53 2.41
CA PRO B 57 -10.51 -0.02 2.95
C PRO B 57 -11.48 -1.07 3.47
N VAL B 58 -12.20 -0.64 4.49
CA VAL B 58 -13.35 -1.40 4.97
C VAL B 58 -14.63 -0.56 5.01
N SER B 59 -15.75 -1.25 5.18
CA SER B 59 -16.91 -0.50 5.64
C SER B 59 -17.69 -1.24 6.69
N PHE B 60 -18.55 -0.48 7.35
CA PHE B 60 -19.27 -0.96 8.50
C PHE B 60 -20.77 -1.00 8.24
N GLY B 61 -21.45 -1.99 8.77
CA GLY B 61 -22.88 -2.08 8.60
C GLY B 61 -23.47 -2.75 9.81
N TYR B 62 -24.62 -2.25 10.22
CA TYR B 62 -25.30 -2.75 11.40
C TYR B 62 -25.75 -4.13 11.18
N GLU B 63 -25.57 -4.95 12.18
CA GLU B 63 -26.15 -6.25 12.14
C GLU B 63 -26.36 -6.66 13.61
N PRO B 64 -27.61 -6.93 13.98
CA PRO B 64 -28.73 -6.83 13.03
C PRO B 64 -29.09 -5.38 12.76
N VAL B 65 -29.94 -5.14 11.76
CA VAL B 65 -31.02 -4.15 11.83
C VAL B 65 -30.63 -2.67 11.80
N ILE B 66 -31.19 -1.90 12.74
CA ILE B 66 -30.99 -0.46 12.89
C ILE B 66 -31.22 0.28 11.57
N ALA B 67 -32.39 0.92 11.48
CA ALA B 67 -32.76 1.75 10.33
C ALA B 67 -33.09 3.20 10.75
N GLY B 68 -32.78 3.58 12.00
CA GLY B 68 -32.93 4.96 12.45
C GLY B 68 -31.95 5.96 11.82
N THR B 69 -30.74 5.51 11.50
CA THR B 69 -29.59 6.38 11.46
C THR B 69 -28.64 6.08 10.31
N ASP B 70 -27.89 7.07 9.85
CA ASP B 70 -26.85 6.85 8.84
C ASP B 70 -25.53 6.49 9.49
N TYR B 71 -25.38 6.80 10.76
CA TYR B 71 -24.03 6.71 11.38
C TYR B 71 -23.81 5.47 12.18
N ILE B 72 -22.53 5.24 12.46
CA ILE B 72 -22.11 4.16 13.31
C ILE B 72 -21.91 4.68 14.73
N TYR B 73 -22.58 4.00 15.65
CA TYR B 73 -22.51 4.26 17.08
C TYR B 73 -21.62 3.21 17.77
N THR B 74 -20.96 3.61 18.84
CA THR B 74 -20.28 2.66 19.75
C THR B 74 -21.21 1.64 20.37
N SER B 75 -20.61 0.55 20.86
CA SER B 75 -21.30 -0.44 21.68
C SER B 75 -22.38 -1.16 20.97
N THR B 76 -22.32 -1.21 19.64
CA THR B 76 -23.45 -1.68 18.87
C THR B 76 -22.97 -2.58 17.78
N THR B 77 -23.58 -3.75 17.64
CA THR B 77 -22.98 -4.78 16.79
C THR B 77 -23.03 -4.46 15.31
N ILE B 78 -21.85 -4.53 14.70
CA ILE B 78 -21.72 -4.37 13.25
C ILE B 78 -20.94 -5.50 12.53
N ASN B 79 -21.10 -5.58 11.19
CA ASN B 79 -20.12 -6.27 10.33
C ASN B 79 -19.10 -5.31 9.79
N ILE B 80 -17.88 -5.83 9.58
CA ILE B 80 -16.79 -5.11 9.02
C ILE B 80 -16.37 -5.93 7.78
N GLU B 81 -16.26 -5.24 6.62
CA GLU B 81 -15.97 -5.90 5.34
C GLU B 81 -14.92 -5.13 4.66
N PHE B 82 -13.94 -5.83 4.12
CA PHE B 82 -13.04 -5.18 3.25
C PHE B 82 -13.73 -4.82 1.92
N ARG B 83 -13.32 -3.71 1.33
CA ARG B 83 -13.89 -3.20 0.10
C ARG B 83 -12.75 -3.09 -0.92
N SER B 84 -12.84 -3.87 -1.97
CA SER B 84 -11.79 -3.94 -2.97
C SER B 84 -12.29 -4.60 -4.27
N GLU B 85 -12.15 -3.93 -5.40
CA GLU B 85 -12.61 -4.48 -6.70
C GLU B 85 -11.77 -5.73 -6.98
N ILE B 86 -10.47 -5.62 -6.75
CA ILE B 86 -9.49 -6.69 -6.95
C ILE B 86 -9.50 -7.64 -5.72
N TRP B 87 -9.74 -8.91 -5.98
CA TRP B 87 -9.79 -9.93 -5.01
C TRP B 87 -9.46 -11.26 -5.67
N PRO B 88 -8.16 -11.53 -5.88
CA PRO B 88 -7.69 -12.64 -6.74
C PRO B 88 -7.60 -14.02 -6.13
N VAL B 89 -7.87 -14.14 -4.84
CA VAL B 89 -7.87 -15.43 -4.20
C VAL B 89 -8.94 -15.49 -3.13
N CYS B 90 -9.22 -16.70 -2.68
CA CYS B 90 -10.22 -17.03 -1.68
C CYS B 90 -11.58 -16.49 -2.06
N ASN B 91 -11.92 -16.61 -3.35
CA ASN B 91 -13.17 -16.04 -3.88
C ASN B 91 -14.43 -16.74 -3.43
N GLU B 92 -14.27 -17.96 -2.94
CA GLU B 92 -15.36 -18.71 -2.36
C GLU B 92 -15.78 -18.21 -0.94
N LEU B 93 -15.05 -17.24 -0.38
CA LEU B 93 -15.38 -16.71 0.96
C LEU B 93 -15.68 -15.23 0.80
N SER B 94 -16.41 -14.67 1.75
CA SER B 94 -16.66 -13.21 1.76
C SER B 94 -15.40 -12.42 2.09
N LYS B 95 -15.58 -11.11 2.10
CA LYS B 95 -14.62 -10.09 2.57
C LYS B 95 -14.93 -9.55 4.02
N LEU B 96 -15.80 -10.26 4.73
CA LEU B 96 -16.27 -9.90 6.06
C LEU B 96 -15.28 -10.42 7.08
N TRP B 97 -14.88 -9.55 8.00
CA TRP B 97 -14.08 -9.98 9.15
C TRP B 97 -14.87 -10.92 10.00
N ALA B 98 -14.18 -11.88 10.57
CA ALA B 98 -14.83 -12.83 11.44
C ALA B 98 -13.80 -13.42 12.37
N VAL B 99 -14.24 -13.87 13.53
CA VAL B 99 -13.32 -14.60 14.39
C VAL B 99 -13.25 -16.05 13.92
N ASP B 100 -12.04 -16.60 13.90
CA ASP B 100 -11.86 -18.00 13.53
C ASP B 100 -12.58 -18.91 14.53
N VAL B 101 -13.60 -19.64 14.05
CA VAL B 101 -14.26 -20.67 14.85
C VAL B 101 -14.11 -22.05 14.25
N SER B 102 -13.15 -22.21 13.35
CA SER B 102 -12.86 -23.50 12.70
C SER B 102 -12.26 -24.42 13.73
N SER B 103 -12.08 -25.69 13.34
CA SER B 103 -11.62 -26.70 14.29
C SER B 103 -10.17 -26.55 14.62
N SER B 104 -9.41 -25.78 13.85
CA SER B 104 -7.99 -25.53 14.15
C SER B 104 -7.72 -24.20 14.83
N ALA B 105 -8.78 -23.49 15.27
CA ALA B 105 -8.67 -22.13 15.83
C ALA B 105 -7.80 -22.06 17.08
N ALA B 106 -6.87 -21.08 17.17
CA ALA B 106 -6.01 -20.98 18.38
C ALA B 106 -6.79 -20.50 19.63
N LYS B 107 -6.18 -20.62 20.82
CA LYS B 107 -6.86 -20.21 22.07
C LYS B 107 -7.19 -18.75 22.00
N GLU B 108 -6.32 -17.97 21.37
CA GLU B 108 -6.62 -16.58 21.01
C GLU B 108 -6.82 -16.63 19.47
N PRO B 109 -8.06 -16.74 19.02
CA PRO B 109 -8.27 -17.04 17.66
C PRO B 109 -7.96 -15.88 16.71
N ALA B 110 -7.46 -16.23 15.54
CA ALA B 110 -7.16 -15.25 14.50
C ALA B 110 -8.47 -14.61 14.08
N ILE B 111 -8.36 -13.37 13.68
CA ILE B 111 -9.38 -12.70 12.95
C ILE B 111 -9.07 -13.02 11.47
N ILE B 112 -10.05 -13.64 10.84
CA ILE B 112 -9.96 -14.15 9.47
C ILE B 112 -10.91 -13.38 8.59
N ILE B 113 -10.73 -13.54 7.30
CA ILE B 113 -11.56 -12.88 6.34
C ILE B 113 -12.45 -13.95 5.71
N GLY B 114 -13.75 -13.72 5.77
CA GLY B 114 -14.73 -14.70 5.21
C GLY B 114 -15.93 -15.01 6.07
N GLY B 115 -16.43 -14.06 6.84
CA GLY B 115 -17.56 -14.39 7.70
C GLY B 115 -18.91 -14.37 6.97
N GLU B 116 -19.95 -14.94 7.57
CA GLU B 116 -21.34 -14.82 7.10
C GLU B 116 -22.02 -13.71 7.88
N ARG B 117 -22.81 -12.88 7.21
CA ARG B 117 -23.34 -11.63 7.76
C ARG B 117 -24.05 -11.82 9.08
N THR B 118 -24.88 -12.86 9.19
CA THR B 118 -25.65 -13.05 10.42
C THR B 118 -24.93 -13.90 11.45
N ALA B 119 -23.89 -14.63 11.03
CA ALA B 119 -23.13 -15.46 11.96
C ALA B 119 -22.63 -14.65 13.17
N PRO B 120 -22.75 -15.25 14.36
CA PRO B 120 -22.25 -14.61 15.58
C PRO B 120 -20.78 -14.14 15.49
N ASN B 121 -19.92 -14.97 14.90
CA ASN B 121 -18.48 -14.66 14.84
C ASN B 121 -18.17 -13.50 13.85
N SER B 122 -19.18 -12.96 13.16
CA SER B 122 -18.95 -11.87 12.26
C SER B 122 -19.34 -10.52 12.86
N LEU B 123 -19.71 -10.51 14.15
CA LEU B 123 -20.18 -9.27 14.80
C LEU B 123 -19.11 -8.68 15.73
N PHE B 124 -18.84 -7.42 15.48
CA PHE B 124 -17.93 -6.60 16.22
C PHE B 124 -18.69 -5.43 16.91
N LYS B 125 -18.05 -4.82 17.88
CA LYS B 125 -18.45 -3.50 18.35
C LYS B 125 -17.25 -2.61 18.34
N ILE B 126 -17.49 -1.32 18.09
CA ILE B 126 -16.56 -0.30 18.31
C ILE B 126 -16.82 0.31 19.71
N GLU B 127 -15.73 0.47 20.47
CA GLU B 127 -15.75 1.10 21.78
C GLU B 127 -14.69 2.14 21.84
N GLU B 128 -15.01 3.20 22.58
CA GLU B 128 -14.06 4.24 22.94
C GLU B 128 -12.94 3.69 23.79
N ALA B 129 -11.78 4.31 23.67
CA ALA B 129 -10.63 4.08 24.54
C ALA B 129 -10.22 5.46 25.11
N THR B 130 -8.95 5.67 25.51
CA THR B 130 -8.49 7.00 26.00
C THR B 130 -7.99 7.84 24.81
N GLY B 131 -8.38 9.12 24.76
CA GLY B 131 -8.22 9.93 23.53
C GLY B 131 -8.78 9.16 22.34
N ALA B 132 -8.26 9.38 21.13
CA ALA B 132 -7.94 10.71 20.65
C ALA B 132 -9.33 11.33 20.46
N HIS B 133 -10.28 10.79 19.67
CA HIS B 133 -10.20 9.93 18.43
C HIS B 133 -9.67 8.46 18.37
N THR B 134 -9.70 7.71 19.47
CA THR B 134 -9.07 6.33 19.53
C THR B 134 -10.06 5.31 20.04
N TYR B 135 -10.07 4.14 19.39
CA TYR B 135 -11.06 3.14 19.63
C TYR B 135 -10.43 1.75 19.72
N LYS B 136 -11.27 0.80 20.11
CA LYS B 136 -10.90 -0.59 20.05
C LYS B 136 -12.06 -1.29 19.48
N LEU B 137 -11.83 -2.52 19.06
CA LEU B 137 -12.86 -3.38 18.60
C LEU B 137 -13.00 -4.58 19.49
N THR B 138 -14.25 -4.99 19.69
CA THR B 138 -14.52 -6.13 20.50
C THR B 138 -15.40 -7.08 19.75
N THR B 139 -15.29 -8.36 20.10
CA THR B 139 -16.14 -9.43 19.56
C THR B 139 -16.62 -10.22 20.73
N SER B 140 -17.53 -11.16 20.53
CA SER B 140 -17.92 -12.06 21.63
C SER B 140 -16.77 -13.01 22.07
N SER B 141 -15.71 -13.18 21.28
CA SER B 141 -14.56 -13.97 21.74
C SER B 141 -13.48 -13.15 22.44
N GLY B 142 -13.66 -11.83 22.56
CA GLY B 142 -12.63 -11.01 23.17
C GLY B 142 -12.40 -9.75 22.39
N THR B 143 -11.48 -8.96 22.88
CA THR B 143 -11.07 -7.74 22.23
C THR B 143 -10.12 -8.10 21.12
N VAL B 144 -10.14 -7.30 20.06
CA VAL B 144 -9.21 -7.44 18.97
C VAL B 144 -7.87 -6.92 19.45
N GLY B 145 -6.87 -7.79 19.36
CA GLY B 145 -5.51 -7.48 19.77
C GLY B 145 -4.59 -7.91 18.67
N THR B 146 -3.28 -7.88 18.91
CA THR B 146 -2.32 -8.45 17.98
C THR B 146 -1.23 -9.30 18.67
N ILE B 147 -0.63 -10.20 17.90
CA ILE B 147 0.59 -10.89 18.23
C ILE B 147 1.49 -10.72 17.02
N PRO B 148 2.82 -10.91 17.19
CA PRO B 148 3.70 -10.91 16.05
C PRO B 148 3.34 -12.01 15.06
N GLY B 149 3.27 -11.67 13.78
CA GLY B 149 2.70 -12.58 12.80
C GLY B 149 3.78 -13.05 11.87
N PRO B 150 3.41 -13.84 10.85
CA PRO B 150 4.39 -14.54 10.03
C PRO B 150 5.13 -13.65 8.98
N TRP B 151 4.72 -12.40 8.83
CA TRP B 151 5.34 -11.51 7.85
C TRP B 151 6.34 -10.56 8.56
N LEU B 152 7.53 -11.08 8.82
CA LEU B 152 8.63 -10.35 9.47
C LEU B 152 8.15 -9.83 10.82
N GLY B 153 7.26 -10.57 11.46
CA GLY B 153 6.81 -10.20 12.79
C GLY B 153 5.72 -9.16 12.76
N ALA B 154 5.27 -8.71 11.59
CA ALA B 154 4.16 -7.76 11.60
C ALA B 154 2.94 -8.17 12.44
N PRO B 155 2.32 -7.18 13.09
CA PRO B 155 1.28 -7.55 14.04
C PRO B 155 0.10 -8.20 13.31
N GLN B 156 -0.32 -9.34 13.80
CA GLN B 156 -1.45 -10.06 13.27
C GLN B 156 -2.63 -9.99 14.22
N LEU B 157 -3.81 -9.68 13.70
CA LEU B 157 -5.01 -9.61 14.51
C LEU B 157 -5.60 -10.91 15.00
N ILE B 158 -5.99 -10.89 16.28
CA ILE B 158 -6.56 -12.01 16.99
C ILE B 158 -7.61 -11.48 17.97
N ALA B 159 -8.51 -12.36 18.42
CA ALA B 159 -9.40 -12.06 19.53
C ALA B 159 -8.83 -12.56 20.84
N THR B 160 -8.83 -11.68 21.83
CA THR B 160 -8.13 -11.94 23.06
C THR B 160 -8.78 -11.28 24.25
N ASN B 161 -8.61 -11.92 25.41
CA ASN B 161 -8.95 -11.30 26.69
C ASN B 161 -7.74 -10.80 27.41
N ASP B 162 -6.60 -10.86 26.77
CA ASP B 162 -5.43 -10.28 27.35
C ASP B 162 -5.47 -8.80 27.03
N ASP B 163 -5.62 -7.99 28.06
CA ASP B 163 -5.72 -6.57 27.91
C ASP B 163 -4.45 -5.95 27.44
N ALA B 164 -3.32 -6.57 27.72
CA ALA B 164 -2.07 -6.00 27.21
C ALA B 164 -1.97 -6.10 25.69
N LYS B 165 -2.83 -6.92 25.07
CA LYS B 165 -2.71 -7.05 23.61
C LYS B 165 -3.66 -6.17 22.75
N THR B 166 -4.50 -5.37 23.42
CA THR B 166 -5.49 -4.49 22.73
C THR B 166 -4.93 -3.66 21.59
N LEU B 167 -5.55 -3.76 20.42
CA LEU B 167 -5.14 -2.94 19.32
C LEU B 167 -6.00 -1.65 19.35
N PHE B 168 -5.34 -0.53 19.45
CA PHE B 168 -6.03 0.77 19.46
C PHE B 168 -5.92 1.37 18.07
N VAL B 169 -7.04 1.83 17.54
CA VAL B 169 -7.09 2.22 16.11
C VAL B 169 -7.81 3.53 15.95
N LYS B 170 -7.59 4.16 14.82
CA LYS B 170 -8.43 5.29 14.33
C LYS B 170 -8.95 4.88 12.95
N PHE B 171 -9.99 5.56 12.49
CA PHE B 171 -10.68 5.26 11.23
C PHE B 171 -10.44 6.45 10.36
N VAL B 172 -9.76 6.24 9.23
CA VAL B 172 -9.38 7.33 8.29
C VAL B 172 -10.25 7.27 7.06
N LYS B 173 -11.10 8.29 6.86
CA LYS B 173 -12.02 8.31 5.73
C LYS B 173 -11.25 8.17 4.42
N VAL B 174 -11.62 7.21 3.60
CA VAL B 174 -11.04 7.08 2.24
C VAL B 174 -11.47 8.25 1.28
N ASP B 175 -10.55 8.77 0.49
CA ASP B 175 -10.95 9.88 -0.40
C ASP B 175 -12.06 9.57 -1.44
#